data_9RLO
#
_entry.id   9RLO
#
_cell.length_a   45.400
_cell.length_b   68.880
_cell.length_c   160.890
_cell.angle_alpha   90.000
_cell.angle_beta   90.000
_cell.angle_gamma   90.000
#
_symmetry.space_group_name_H-M   'P 21 21 21'
#
loop_
_entity.id
_entity.type
_entity.pdbx_description
1 polymer 'Protein mono-ADP-ribosyltransferase PARP15'
2 non-polymer 4-[[1,4-bis(oxidanylidene)-2,3-dihydrophthalazin-6-yl]oxy]benzamide
3 non-polymer 'DIMETHYL SULFOXIDE'
4 water water
#
_entity_poly.entity_id   1
_entity_poly.type   'polypeptide(L)'
_entity_poly.pdbx_seq_one_letter_code
;SMNLPEHWTDMNHQLFCMVQLEPGQSEYNTIKDKFTRTCSSYAIEKIERIQNAFLWQSYQVKKRQMDIKNDHKNNERLLF
HGTDADSVPYVNQHGFNRSCAGKNAVSYGKGTYFAVDASYSAKDTYSKPDSNGRKHMYVVRVLTGVFTKGRAGLVTPPPK
NPHNPTDLFDSVTNNTRSPKLFVVFFDNQAYPEYLITFTA
;
_entity_poly.pdbx_strand_id   A,B
#
loop_
_chem_comp.id
_chem_comp.type
_chem_comp.name
_chem_comp.formula
A1JG9 non-polymer 4-[[1,4-bis(oxidanylidene)-2,3-dihydrophthalazin-6-yl]oxy]benzamide 'C15 H11 N3 O4'
DMS non-polymer 'DIMETHYL SULFOXIDE' 'C2 H6 O S'
#
# COMPACT_ATOMS: atom_id res chain seq x y z
N ASN A 3 -4.33 -6.78 20.73
CA ASN A 3 -4.42 -6.65 19.24
C ASN A 3 -4.07 -7.98 18.56
N LEU A 4 -2.96 -8.63 18.94
CA LEU A 4 -2.45 -9.89 18.30
C LEU A 4 -3.40 -11.04 18.63
N PRO A 5 -3.82 -11.84 17.62
CA PRO A 5 -4.91 -12.81 17.82
C PRO A 5 -4.56 -13.83 18.92
N GLU A 6 -5.56 -14.29 19.69
CA GLU A 6 -5.36 -15.16 20.88
C GLU A 6 -4.77 -16.51 20.45
N HIS A 7 -5.13 -17.03 19.27
CA HIS A 7 -4.63 -18.34 18.76
C HIS A 7 -3.14 -18.26 18.33
N TRP A 8 -2.55 -17.07 18.20
CA TRP A 8 -1.09 -16.96 17.98
C TRP A 8 -0.39 -17.50 19.22
N THR A 9 0.82 -18.01 19.02
CA THR A 9 1.69 -18.51 20.10
C THR A 9 2.73 -17.44 20.40
N ASP A 10 3.22 -17.42 21.63
CA ASP A 10 4.22 -16.47 22.17
C ASP A 10 5.39 -16.36 21.20
N MET A 11 5.87 -15.14 20.95
CA MET A 11 6.96 -14.89 19.97
C MET A 11 8.22 -14.35 20.68
N ASN A 12 8.29 -14.46 22.00
CA ASN A 12 9.49 -14.07 22.77
C ASN A 12 9.84 -12.62 22.41
N HIS A 13 8.86 -11.73 22.34
CA HIS A 13 9.06 -10.29 22.03
C HIS A 13 9.59 -10.07 20.59
N GLN A 14 9.51 -11.06 19.68
CA GLN A 14 9.77 -10.85 18.24
C GLN A 14 8.47 -10.38 17.54
N LEU A 15 8.59 -9.76 16.38
CA LEU A 15 7.46 -9.22 15.61
C LEU A 15 7.11 -10.17 14.46
N PHE A 16 7.97 -11.13 14.13
CA PHE A 16 7.74 -12.05 12.98
C PHE A 16 8.15 -13.47 13.35
N CYS A 17 7.26 -14.43 13.08
CA CYS A 17 7.50 -15.89 13.26
C CYS A 17 6.60 -16.69 12.29
N MET A 18 7.16 -17.72 11.67
CA MET A 18 6.44 -18.80 10.96
C MET A 18 6.29 -19.99 11.93
N VAL A 19 5.07 -20.35 12.34
CA VAL A 19 4.80 -21.40 13.36
C VAL A 19 4.23 -22.63 12.64
N GLN A 20 4.95 -23.75 12.65
CA GLN A 20 4.46 -25.00 12.04
C GLN A 20 3.30 -25.51 12.88
N LEU A 21 2.17 -25.84 12.27
CA LEU A 21 0.97 -26.35 13.00
C LEU A 21 1.12 -27.86 13.30
N GLU A 22 0.59 -28.26 14.45
CA GLU A 22 0.53 -29.66 14.92
C GLU A 22 -0.54 -30.39 14.12
N PRO A 23 -0.19 -31.39 13.27
CA PRO A 23 -1.21 -32.19 12.60
C PRO A 23 -2.23 -32.75 13.61
N GLY A 24 -3.49 -32.80 13.23
CA GLY A 24 -4.55 -33.45 14.05
C GLY A 24 -5.07 -32.55 15.15
N GLN A 25 -4.60 -31.32 15.31
CA GLN A 25 -5.28 -30.39 16.23
C GLN A 25 -6.25 -29.52 15.44
N SER A 26 -7.15 -28.86 16.18
CA SER A 26 -8.31 -28.08 15.69
C SER A 26 -7.88 -27.14 14.55
N GLU A 27 -6.88 -26.29 14.79
CA GLU A 27 -6.47 -25.24 13.84
C GLU A 27 -6.01 -25.90 12.53
N TYR A 28 -5.06 -26.82 12.61
CA TYR A 28 -4.54 -27.60 11.46
C TYR A 28 -5.73 -28.23 10.71
N ASN A 29 -6.64 -28.90 11.43
CA ASN A 29 -7.76 -29.62 10.77
C ASN A 29 -8.64 -28.64 9.98
N THR A 30 -8.95 -27.49 10.57
CA THR A 30 -9.77 -26.43 9.95
C THR A 30 -9.13 -26.00 8.62
N ILE A 31 -7.81 -25.78 8.60
CA ILE A 31 -7.09 -25.22 7.41
C ILE A 31 -7.00 -26.33 6.36
N LYS A 32 -6.57 -27.53 6.76
CA LYS A 32 -6.51 -28.74 5.90
C LYS A 32 -7.86 -28.98 5.20
N ASP A 33 -8.97 -28.89 5.92
CA ASP A 33 -10.28 -29.22 5.31
C ASP A 33 -10.58 -28.18 4.24
N LYS A 34 -10.16 -26.92 4.44
CA LYS A 34 -10.44 -25.82 3.46
C LYS A 34 -9.73 -26.15 2.15
N PHE A 35 -8.54 -26.72 2.24
CA PHE A 35 -7.66 -27.09 1.11
C PHE A 35 -8.22 -28.35 0.45
N THR A 36 -8.44 -29.40 1.25
CA THR A 36 -8.87 -30.74 0.76
C THR A 36 -10.30 -30.72 0.22
N ARG A 37 -11.12 -29.71 0.54
CA ARG A 37 -12.46 -29.47 -0.08
C ARG A 37 -12.35 -29.66 -1.62
N THR A 38 -11.26 -29.19 -2.24
CA THR A 38 -11.07 -29.21 -3.72
C THR A 38 -9.72 -29.83 -4.13
N CYS A 39 -8.81 -30.13 -3.20
CA CYS A 39 -7.41 -30.58 -3.44
C CYS A 39 -7.16 -31.91 -2.72
N SER A 40 -8.17 -32.79 -2.68
CA SER A 40 -8.11 -34.07 -1.93
C SER A 40 -7.06 -35.02 -2.52
N SER A 41 -6.57 -34.79 -3.75
CA SER A 41 -5.57 -35.67 -4.41
C SER A 41 -4.14 -35.19 -4.20
N TYR A 42 -3.94 -34.06 -3.53
CA TYR A 42 -2.59 -33.50 -3.25
C TYR A 42 -2.12 -34.07 -1.91
N ALA A 43 -0.83 -33.96 -1.63
CA ALA A 43 -0.21 -34.40 -0.36
C ALA A 43 0.29 -33.17 0.42
N ILE A 44 -0.29 -32.86 1.58
CA ILE A 44 0.20 -31.78 2.50
C ILE A 44 1.45 -32.28 3.23
N GLU A 45 2.54 -31.54 3.09
CA GLU A 45 3.78 -31.78 3.82
C GLU A 45 3.70 -31.00 5.15
N LYS A 46 3.27 -29.72 5.13
CA LYS A 46 3.09 -28.95 6.40
C LYS A 46 2.24 -27.71 6.17
N ILE A 47 1.71 -27.20 7.28
CA ILE A 47 0.97 -25.91 7.34
C ILE A 47 1.64 -25.06 8.43
N GLU A 48 1.90 -23.80 8.09
CA GLU A 48 2.57 -22.82 8.97
C GLU A 48 1.64 -21.63 9.14
N ARG A 49 1.45 -21.21 10.39
CA ARG A 49 0.77 -19.96 10.75
C ARG A 49 1.76 -18.82 10.55
N ILE A 50 1.34 -17.80 9.79
CA ILE A 50 2.21 -16.62 9.57
C ILE A 50 1.88 -15.61 10.67
N GLN A 51 2.84 -15.35 11.54
CA GLN A 51 2.64 -14.39 12.67
C GLN A 51 3.50 -13.16 12.36
N ASN A 52 2.94 -12.21 11.63
CA ASN A 52 3.63 -10.97 11.24
C ASN A 52 2.84 -9.82 11.89
N ALA A 53 3.33 -9.31 13.02
CA ALA A 53 2.63 -8.29 13.82
C ALA A 53 2.39 -7.04 12.94
N PHE A 54 3.36 -6.57 12.18
CA PHE A 54 3.22 -5.30 11.41
C PHE A 54 2.18 -5.42 10.28
N LEU A 55 2.23 -6.52 9.54
CA LEU A 55 1.25 -6.80 8.44
C LEU A 55 -0.15 -6.89 9.05
N TRP A 56 -0.25 -7.60 10.16
CA TRP A 56 -1.54 -7.80 10.86
C TRP A 56 -2.10 -6.43 11.30
N GLN A 57 -1.28 -5.62 11.95
CA GLN A 57 -1.68 -4.28 12.43
C GLN A 57 -2.20 -3.46 11.24
N SER A 58 -1.43 -3.37 10.15
CA SER A 58 -1.79 -2.59 8.94
C SER A 58 -3.07 -3.14 8.32
N TYR A 59 -3.21 -4.46 8.25
CA TYR A 59 -4.44 -5.12 7.73
C TYR A 59 -5.66 -4.83 8.63
N GLN A 60 -5.49 -4.91 9.96
CA GLN A 60 -6.62 -4.70 10.90
C GLN A 60 -7.08 -3.24 10.82
N VAL A 61 -6.15 -2.33 10.57
CA VAL A 61 -6.51 -0.90 10.41
C VAL A 61 -7.39 -0.77 9.17
N LYS A 62 -6.98 -1.36 8.06
CA LYS A 62 -7.80 -1.28 6.82
C LYS A 62 -9.15 -1.97 7.06
N LYS A 63 -9.18 -3.07 7.79
CA LYS A 63 -10.47 -3.76 8.07
C LYS A 63 -11.42 -2.83 8.84
N ARG A 64 -10.92 -2.20 9.91
CA ARG A 64 -11.74 -1.25 10.73
C ARG A 64 -12.23 -0.12 9.83
N GLN A 65 -11.36 0.42 8.97
CA GLN A 65 -11.70 1.50 8.00
C GLN A 65 -12.79 1.02 7.05
N MET A 66 -12.68 -0.16 6.47
CA MET A 66 -13.68 -0.70 5.49
C MET A 66 -15.01 -1.02 6.22
N ASP A 67 -14.96 -1.51 7.47
CA ASP A 67 -16.18 -1.81 8.26
C ASP A 67 -16.96 -0.49 8.50
N ILE A 68 -16.28 0.63 8.82
CA ILE A 68 -16.90 1.99 8.95
C ILE A 68 -17.46 2.48 7.61
N LYS A 69 -16.63 2.57 6.60
CA LYS A 69 -16.96 3.06 5.25
C LYS A 69 -18.19 2.30 4.72
N ASN A 70 -18.22 0.98 4.85
CA ASN A 70 -19.32 0.14 4.28
C ASN A 70 -20.45 -0.01 5.28
N ASP A 71 -20.25 0.37 6.56
CA ASP A 71 -21.31 0.33 7.60
C ASP A 71 -21.83 -1.11 7.81
N HIS A 72 -20.94 -2.10 7.83
CA HIS A 72 -21.24 -3.54 8.10
C HIS A 72 -19.91 -4.28 8.21
N LYS A 73 -19.93 -5.53 8.67
CA LYS A 73 -18.73 -6.33 9.05
C LYS A 73 -18.56 -7.54 8.12
N ASN A 74 -19.29 -7.60 7.02
CA ASN A 74 -19.16 -8.66 5.98
C ASN A 74 -18.11 -8.29 4.91
N ASN A 75 -16.93 -7.80 5.26
CA ASN A 75 -15.97 -7.31 4.24
C ASN A 75 -14.86 -8.31 3.93
N GLU A 76 -14.73 -9.35 4.74
CA GLU A 76 -13.54 -10.23 4.74
C GLU A 76 -13.96 -11.63 4.24
N ARG A 77 -13.11 -12.24 3.40
CA ARG A 77 -13.26 -13.61 2.85
C ARG A 77 -11.94 -14.34 2.99
N LEU A 78 -11.97 -15.66 3.07
CA LEU A 78 -10.74 -16.48 3.15
C LEU A 78 -10.49 -17.03 1.75
N LEU A 79 -9.40 -16.64 1.11
CA LEU A 79 -9.11 -17.07 -0.28
C LEU A 79 -7.72 -17.69 -0.32
N PHE A 80 -7.30 -18.15 -1.50
CA PHE A 80 -6.07 -18.94 -1.71
C PHE A 80 -5.16 -18.17 -2.67
N HIS A 81 -3.87 -18.26 -2.48
CA HIS A 81 -2.92 -17.66 -3.46
C HIS A 81 -1.74 -18.59 -3.62
N GLY A 82 -1.60 -19.21 -4.78
CA GLY A 82 -0.40 -20.01 -5.09
C GLY A 82 0.69 -19.10 -5.58
N THR A 83 1.92 -19.40 -5.22
CA THR A 83 3.08 -18.66 -5.74
C THR A 83 4.29 -19.57 -5.80
N ASP A 84 5.35 -19.11 -6.45
CA ASP A 84 6.65 -19.81 -6.53
C ASP A 84 7.39 -19.67 -5.19
N ALA A 85 8.30 -20.60 -4.93
CA ALA A 85 9.09 -20.66 -3.68
C ALA A 85 9.92 -19.39 -3.51
N ASP A 86 10.38 -18.79 -4.59
CA ASP A 86 11.24 -17.59 -4.48
C ASP A 86 10.42 -16.40 -3.99
N SER A 87 9.09 -16.41 -4.11
CA SER A 87 8.24 -15.29 -3.62
C SER A 87 7.83 -15.47 -2.15
N VAL A 88 7.99 -16.67 -1.59
CA VAL A 88 7.47 -17.00 -0.23
C VAL A 88 8.08 -16.08 0.83
N PRO A 89 9.41 -15.89 0.95
CA PRO A 89 9.96 -15.04 1.99
C PRO A 89 9.44 -13.59 1.95
N TYR A 90 9.41 -13.02 0.76
CA TYR A 90 8.84 -11.68 0.51
C TYR A 90 7.41 -11.61 1.08
N VAL A 91 6.52 -12.52 0.68
CA VAL A 91 5.09 -12.47 1.10
C VAL A 91 4.98 -12.64 2.62
N ASN A 92 5.74 -13.58 3.19
CA ASN A 92 5.72 -13.83 4.64
C ASN A 92 5.98 -12.52 5.41
N GLN A 93 6.95 -11.73 4.92
CA GLN A 93 7.49 -10.51 5.57
C GLN A 93 6.67 -9.28 5.15
N HIS A 94 6.32 -9.15 3.89
CA HIS A 94 5.78 -7.89 3.30
C HIS A 94 4.35 -8.04 2.76
N GLY A 95 3.81 -9.26 2.69
CA GLY A 95 2.48 -9.47 2.12
C GLY A 95 2.50 -9.37 0.62
N PHE A 96 1.36 -9.03 0.05
CA PHE A 96 1.09 -9.09 -1.40
C PHE A 96 1.35 -7.69 -1.99
N ASN A 97 1.98 -7.67 -3.15
CA ASN A 97 2.45 -6.43 -3.81
C ASN A 97 2.08 -6.50 -5.29
N ARG A 98 1.14 -5.64 -5.70
CA ARG A 98 0.68 -5.59 -7.09
C ARG A 98 1.84 -5.29 -8.06
N SER A 99 2.91 -4.64 -7.63
CA SER A 99 4.05 -4.20 -8.50
C SER A 99 4.96 -5.38 -8.84
N CYS A 100 4.78 -6.55 -8.21
CA CYS A 100 5.60 -7.77 -8.47
C CYS A 100 4.98 -8.54 -9.66
N ALA A 101 3.64 -8.67 -9.70
CA ALA A 101 2.81 -9.26 -10.79
C ALA A 101 3.34 -10.64 -11.19
N ASN A 104 1.95 -14.24 -15.14
CA ASN A 104 0.52 -14.67 -15.24
C ASN A 104 -0.38 -13.52 -15.70
N ALA A 105 -1.55 -13.87 -16.23
CA ALA A 105 -2.57 -12.96 -16.81
C ALA A 105 -3.09 -11.99 -15.74
N VAL A 106 -3.46 -10.80 -16.19
CA VAL A 106 -4.03 -9.69 -15.35
C VAL A 106 -5.29 -9.15 -16.05
N SER A 107 -6.11 -10.07 -16.56
CA SER A 107 -7.36 -9.85 -17.33
C SER A 107 -8.39 -9.04 -16.55
N TYR A 108 -8.41 -9.12 -15.22
CA TYR A 108 -9.45 -8.40 -14.44
C TYR A 108 -8.82 -7.19 -13.74
N GLY A 109 -7.55 -6.85 -14.05
CA GLY A 109 -6.87 -5.65 -13.54
C GLY A 109 -5.48 -5.94 -13.01
N LYS A 110 -4.68 -4.89 -12.82
CA LYS A 110 -3.29 -4.95 -12.28
C LYS A 110 -3.33 -4.83 -10.75
N GLY A 111 -3.73 -5.94 -10.13
CA GLY A 111 -3.70 -6.15 -8.68
C GLY A 111 -3.21 -7.53 -8.33
N THR A 112 -3.39 -7.90 -7.09
CA THR A 112 -3.06 -9.26 -6.62
C THR A 112 -4.32 -10.11 -6.77
N TYR A 113 -4.18 -11.33 -7.28
CA TYR A 113 -5.27 -12.29 -7.57
C TYR A 113 -5.35 -13.29 -6.41
N PHE A 114 -6.56 -13.56 -5.95
CA PHE A 114 -6.90 -14.60 -4.94
C PHE A 114 -8.03 -15.49 -5.49
N ALA A 115 -7.90 -16.82 -5.35
CA ALA A 115 -8.87 -17.86 -5.78
C ALA A 115 -9.85 -18.21 -4.67
N VAL A 116 -11.11 -18.42 -5.01
CA VAL A 116 -12.13 -18.99 -4.08
C VAL A 116 -11.80 -20.46 -3.80
N ASP A 117 -11.31 -21.19 -4.80
CA ASP A 117 -11.01 -22.63 -4.69
C ASP A 117 -9.51 -22.88 -4.71
N ALA A 118 -9.03 -23.67 -3.74
CA ALA A 118 -7.62 -24.09 -3.62
C ALA A 118 -7.17 -24.82 -4.89
N SER A 119 -8.07 -25.54 -5.57
CA SER A 119 -7.73 -26.29 -6.80
C SER A 119 -7.21 -25.32 -7.88
N TYR A 120 -7.78 -24.13 -8.04
CA TYR A 120 -7.26 -23.16 -9.04
C TYR A 120 -5.86 -22.67 -8.62
N SER A 121 -5.64 -22.38 -7.35
CA SER A 121 -4.30 -21.95 -6.84
C SER A 121 -3.30 -23.11 -6.94
N ALA A 122 -3.76 -24.36 -6.97
CA ALA A 122 -2.87 -25.56 -7.01
C ALA A 122 -2.28 -25.80 -8.41
N LYS A 123 -2.78 -25.17 -9.47
CA LYS A 123 -2.19 -25.28 -10.83
C LYS A 123 -0.75 -24.79 -10.76
N ASP A 124 0.13 -25.46 -11.51
CA ASP A 124 1.59 -25.22 -11.55
C ASP A 124 1.89 -23.79 -12.02
N THR A 125 1.01 -23.15 -12.78
CA THR A 125 1.24 -21.77 -13.28
C THR A 125 1.29 -20.80 -12.09
N TYR A 126 0.62 -21.11 -10.96
CA TYR A 126 0.57 -20.29 -9.72
C TYR A 126 1.49 -20.87 -8.65
N SER A 127 1.18 -22.06 -8.14
CA SER A 127 2.02 -22.75 -7.14
C SER A 127 3.08 -23.57 -7.88
N LYS A 128 4.07 -22.88 -8.44
CA LYS A 128 5.14 -23.48 -9.28
C LYS A 128 5.96 -24.46 -8.46
N PRO A 129 6.00 -25.74 -8.86
CA PRO A 129 6.86 -26.73 -8.21
C PRO A 129 8.32 -26.27 -8.13
N ASP A 130 9.00 -26.49 -7.00
CA ASP A 130 10.45 -26.21 -6.90
C ASP A 130 11.20 -27.46 -7.35
N SER A 131 12.54 -27.48 -7.20
CA SER A 131 13.44 -28.62 -7.55
C SER A 131 12.80 -29.96 -7.12
N ASN A 132 12.36 -30.05 -5.86
CA ASN A 132 11.95 -31.30 -5.19
C ASN A 132 10.44 -31.53 -5.31
N GLY A 133 9.74 -30.77 -6.17
CA GLY A 133 8.29 -30.95 -6.44
C GLY A 133 7.40 -30.25 -5.41
N ARG A 134 7.98 -29.50 -4.46
CA ARG A 134 7.19 -28.79 -3.43
C ARG A 134 6.48 -27.59 -4.07
N LYS A 135 5.20 -27.47 -3.80
CA LYS A 135 4.30 -26.37 -4.21
C LYS A 135 3.88 -25.59 -2.95
N HIS A 136 3.51 -24.32 -3.12
CA HIS A 136 3.26 -23.37 -2.01
C HIS A 136 1.99 -22.58 -2.28
N MET A 137 1.08 -22.61 -1.30
CA MET A 137 -0.22 -21.93 -1.41
C MET A 137 -0.49 -21.26 -0.07
N TYR A 138 -0.88 -20.00 -0.13
CA TYR A 138 -1.25 -19.22 1.06
C TYR A 138 -2.76 -19.31 1.22
N VAL A 139 -3.20 -19.41 2.47
CA VAL A 139 -4.59 -19.10 2.88
C VAL A 139 -4.58 -17.66 3.39
N VAL A 140 -5.50 -16.83 2.90
CA VAL A 140 -5.37 -15.35 2.93
C VAL A 140 -6.69 -14.77 3.40
N ARG A 141 -6.63 -13.92 4.42
CA ARG A 141 -7.75 -13.02 4.77
C ARG A 141 -7.72 -11.84 3.79
N VAL A 142 -8.78 -11.65 3.06
CA VAL A 142 -8.85 -10.59 2.01
C VAL A 142 -10.06 -9.71 2.27
N LEU A 143 -9.83 -8.40 2.27
CA LEU A 143 -10.93 -7.42 2.39
C LEU A 143 -11.55 -7.20 1.00
N THR A 144 -12.43 -8.10 0.58
CA THR A 144 -13.13 -8.04 -0.72
C THR A 144 -14.17 -6.91 -0.69
N GLY A 145 -14.70 -6.60 0.50
CA GLY A 145 -15.76 -5.60 0.69
C GLY A 145 -16.85 -5.68 -0.38
N VAL A 146 -17.23 -4.53 -0.93
CA VAL A 146 -18.24 -4.40 -2.02
C VAL A 146 -17.47 -4.48 -3.33
N PHE A 147 -17.83 -5.43 -4.19
CA PHE A 147 -17.04 -5.72 -5.41
C PHE A 147 -17.92 -5.60 -6.66
N THR A 148 -17.23 -5.55 -7.79
CA THR A 148 -17.85 -5.43 -9.12
C THR A 148 -17.02 -6.28 -10.09
N LYS A 149 -17.48 -6.39 -11.33
CA LYS A 149 -16.75 -7.09 -12.40
C LYS A 149 -15.51 -6.29 -12.80
N GLY A 150 -14.37 -6.94 -12.88
CA GLY A 150 -13.14 -6.31 -13.36
C GLY A 150 -13.06 -6.34 -14.87
N ARG A 151 -11.99 -5.77 -15.36
CA ARG A 151 -11.62 -5.73 -16.79
CA ARG A 151 -11.63 -5.68 -16.80
C ARG A 151 -10.13 -5.38 -16.88
N ALA A 152 -9.54 -5.64 -18.03
CA ALA A 152 -8.09 -5.45 -18.26
C ALA A 152 -7.76 -3.97 -18.10
N GLY A 153 -6.62 -3.70 -17.50
CA GLY A 153 -6.03 -2.34 -17.43
C GLY A 153 -6.43 -1.55 -16.21
N LEU A 154 -7.41 -1.99 -15.41
CA LEU A 154 -7.70 -1.33 -14.10
C LEU A 154 -6.40 -1.25 -13.28
N VAL A 155 -6.10 -0.08 -12.71
CA VAL A 155 -5.03 0.15 -11.69
C VAL A 155 -5.64 0.31 -10.28
N THR A 156 -6.93 0.63 -10.17
CA THR A 156 -7.73 0.58 -8.92
C THR A 156 -9.09 0.01 -9.28
N PRO A 157 -9.89 -0.39 -8.30
CA PRO A 157 -11.27 -0.77 -8.59
C PRO A 157 -11.97 0.43 -9.20
N PRO A 158 -13.06 0.18 -9.94
CA PRO A 158 -13.88 1.25 -10.52
C PRO A 158 -14.65 2.05 -9.46
N PRO A 159 -15.13 3.26 -9.80
CA PRO A 159 -16.01 4.00 -8.90
C PRO A 159 -17.38 3.32 -8.77
N LYS A 160 -18.02 3.42 -7.62
CA LYS A 160 -19.35 2.82 -7.36
C LYS A 160 -20.46 3.63 -8.02
N ASN A 161 -20.12 4.51 -8.97
CA ASN A 161 -21.00 5.55 -9.59
C ASN A 161 -20.10 6.69 -10.07
N PRO A 162 -20.01 6.93 -11.40
CA PRO A 162 -19.06 7.93 -11.90
C PRO A 162 -19.50 9.37 -11.60
N HIS A 163 -20.59 9.57 -10.85
CA HIS A 163 -21.02 10.88 -10.29
C HIS A 163 -20.20 11.22 -9.03
N ASN A 164 -19.50 10.23 -8.43
CA ASN A 164 -18.42 10.46 -7.43
C ASN A 164 -17.22 9.56 -7.76
N PRO A 165 -16.26 10.04 -8.56
CA PRO A 165 -15.19 9.16 -9.05
C PRO A 165 -14.22 8.63 -7.98
N THR A 166 -14.20 9.18 -6.76
CA THR A 166 -13.20 8.78 -5.74
C THR A 166 -13.79 7.76 -4.77
N ASP A 167 -15.09 7.50 -4.85
CA ASP A 167 -15.78 6.50 -3.99
C ASP A 167 -15.78 5.13 -4.68
N LEU A 168 -14.80 4.29 -4.37
CA LEU A 168 -14.46 3.08 -5.20
C LEU A 168 -15.10 1.82 -4.61
N PHE A 169 -15.38 0.84 -5.47
CA PHE A 169 -15.47 -0.59 -5.06
C PHE A 169 -14.22 -0.97 -4.26
N ASP A 170 -14.32 -1.99 -3.39
CA ASP A 170 -13.19 -2.50 -2.58
C ASP A 170 -12.33 -3.46 -3.38
N SER A 171 -12.95 -4.24 -4.27
CA SER A 171 -12.24 -5.23 -5.10
C SER A 171 -13.03 -5.48 -6.39
N VAL A 172 -12.44 -6.26 -7.29
CA VAL A 172 -13.17 -6.70 -8.48
C VAL A 172 -13.12 -8.21 -8.52
N THR A 173 -14.03 -8.79 -9.29
CA THR A 173 -14.10 -10.26 -9.48
C THR A 173 -14.31 -10.60 -10.97
N ASN A 174 -14.30 -11.88 -11.29
CA ASN A 174 -14.60 -12.38 -12.66
C ASN A 174 -16.12 -12.40 -12.87
N ASN A 175 -16.90 -12.59 -11.82
CA ASN A 175 -18.37 -12.81 -11.91
C ASN A 175 -18.99 -12.44 -10.58
N THR A 176 -19.83 -11.39 -10.52
CA THR A 176 -20.31 -10.79 -9.27
C THR A 176 -21.30 -11.71 -8.56
N ARG A 177 -22.03 -12.55 -9.31
CA ARG A 177 -23.11 -13.39 -8.74
C ARG A 177 -22.51 -14.75 -8.32
N SER A 178 -21.43 -15.19 -8.94
CA SER A 178 -20.77 -16.48 -8.57
C SER A 178 -19.25 -16.35 -8.68
N PRO A 179 -18.60 -15.56 -7.82
CA PRO A 179 -17.19 -15.26 -8.03
C PRO A 179 -16.27 -16.46 -7.80
N LYS A 180 -15.18 -16.53 -8.56
CA LYS A 180 -14.15 -17.56 -8.38
C LYS A 180 -12.79 -16.93 -8.13
N LEU A 181 -12.66 -15.63 -8.36
CA LEU A 181 -11.40 -14.91 -8.06
C LEU A 181 -11.75 -13.49 -7.67
N PHE A 182 -10.86 -12.91 -6.88
CA PHE A 182 -10.93 -11.52 -6.41
C PHE A 182 -9.57 -10.88 -6.66
N VAL A 183 -9.62 -9.61 -7.01
CA VAL A 183 -8.41 -8.80 -7.27
C VAL A 183 -8.46 -7.62 -6.32
N VAL A 184 -7.37 -7.37 -5.60
CA VAL A 184 -7.25 -6.15 -4.74
C VAL A 184 -6.05 -5.36 -5.20
N PHE A 185 -6.12 -4.05 -5.03
CA PHE A 185 -5.23 -3.09 -5.71
C PHE A 185 -4.51 -2.21 -4.68
N PHE A 186 -4.61 -2.54 -3.39
CA PHE A 186 -3.91 -1.77 -2.33
C PHE A 186 -3.17 -2.70 -1.37
N ASP A 187 -2.03 -2.23 -0.86
CA ASP A 187 -1.22 -2.91 0.16
C ASP A 187 -2.14 -3.10 1.38
N ASN A 188 -2.01 -4.18 2.12
CA ASN A 188 -2.65 -4.28 3.44
C ASN A 188 -4.17 -4.49 3.30
N GLN A 189 -4.64 -4.86 2.11
CA GLN A 189 -6.01 -5.40 1.92
C GLN A 189 -6.00 -6.94 2.00
N ALA A 190 -4.83 -7.56 2.22
CA ALA A 190 -4.69 -9.03 2.26
C ALA A 190 -3.68 -9.39 3.32
N TYR A 191 -4.04 -10.28 4.24
CA TYR A 191 -3.12 -10.83 5.26
C TYR A 191 -2.84 -12.29 4.96
N PRO A 192 -1.57 -12.67 4.66
CA PRO A 192 -1.26 -14.08 4.45
C PRO A 192 -1.31 -14.80 5.81
N GLU A 193 -2.30 -15.66 6.01
CA GLU A 193 -2.55 -16.22 7.37
C GLU A 193 -1.86 -17.58 7.54
N TYR A 194 -1.93 -18.46 6.55
CA TYR A 194 -1.28 -19.82 6.54
C TYR A 194 -0.53 -20.05 5.23
N LEU A 195 0.61 -20.74 5.31
CA LEU A 195 1.36 -21.28 4.16
C LEU A 195 1.24 -22.80 4.16
N ILE A 196 0.65 -23.34 3.10
CA ILE A 196 0.51 -24.80 2.87
C ILE A 196 1.62 -25.20 1.91
N THR A 197 2.49 -26.10 2.36
CA THR A 197 3.52 -26.74 1.51
C THR A 197 2.99 -28.13 1.16
N PHE A 198 2.86 -28.42 -0.14
CA PHE A 198 2.22 -29.66 -0.64
C PHE A 198 2.91 -30.14 -1.92
N THR A 199 2.62 -31.38 -2.31
CA THR A 199 3.08 -31.96 -3.60
C THR A 199 1.85 -32.55 -4.28
N ALA A 200 1.92 -32.76 -5.59
CA ALA A 200 0.98 -33.63 -6.30
C ALA A 200 1.34 -35.09 -5.98
N ASN B 3 -6.67 9.64 18.59
CA ASN B 3 -5.87 9.29 17.36
C ASN B 3 -5.67 10.54 16.46
N LEU B 4 -6.71 11.36 16.22
CA LEU B 4 -6.63 12.49 15.24
C LEU B 4 -5.93 13.68 15.89
N PRO B 5 -5.04 14.40 15.16
CA PRO B 5 -4.28 15.48 15.76
C PRO B 5 -5.18 16.57 16.36
N GLU B 6 -4.80 17.14 17.50
CA GLU B 6 -5.69 18.07 18.24
C GLU B 6 -5.79 19.44 17.56
N HIS B 7 -4.85 19.83 16.70
CA HIS B 7 -4.94 21.11 15.95
C HIS B 7 -6.00 21.01 14.85
N TRP B 8 -6.43 19.82 14.44
CA TRP B 8 -7.38 19.69 13.30
C TRP B 8 -8.72 20.32 13.67
N THR B 9 -9.44 20.88 12.71
CA THR B 9 -10.84 21.34 12.91
C THR B 9 -11.74 20.13 13.19
N ASP B 10 -12.78 20.35 13.99
CA ASP B 10 -13.84 19.33 14.21
C ASP B 10 -14.44 19.01 12.85
N MET B 11 -14.44 17.75 12.45
CA MET B 11 -15.09 17.29 11.20
C MET B 11 -16.47 16.71 11.54
N ASN B 12 -16.75 16.59 12.84
CA ASN B 12 -17.97 16.01 13.44
C ASN B 12 -18.43 14.81 12.62
N HIS B 13 -17.87 13.62 12.91
CA HIS B 13 -18.24 12.31 12.30
C HIS B 13 -17.84 12.22 10.82
N GLN B 14 -17.30 13.29 10.20
CA GLN B 14 -16.77 13.28 8.81
C GLN B 14 -15.36 12.67 8.78
N LEU B 15 -14.99 12.07 7.65
CA LEU B 15 -13.71 11.33 7.51
C LEU B 15 -12.67 12.18 6.76
N PHE B 16 -13.09 13.30 6.16
CA PHE B 16 -12.24 14.07 5.22
C PHE B 16 -12.67 15.53 5.19
N CYS B 17 -11.71 16.44 5.21
CA CYS B 17 -11.98 17.89 5.17
C CYS B 17 -10.72 18.56 4.62
N MET B 18 -10.90 19.58 3.77
CA MET B 18 -9.82 20.51 3.36
C MET B 18 -10.04 21.80 4.15
N VAL B 19 -9.04 22.27 4.87
CA VAL B 19 -9.17 23.51 5.67
C VAL B 19 -8.27 24.59 5.11
N GLN B 20 -8.88 25.68 4.70
CA GLN B 20 -8.17 26.87 4.19
C GLN B 20 -7.46 27.56 5.33
N LEU B 21 -6.17 27.81 5.16
CA LEU B 21 -5.33 28.48 6.18
C LEU B 21 -5.33 29.99 5.94
N GLU B 22 -4.94 30.73 6.97
CA GLU B 22 -4.97 32.21 6.99
C GLU B 22 -3.54 32.74 6.99
N PRO B 23 -3.15 33.55 6.00
CA PRO B 23 -1.83 34.21 6.01
C PRO B 23 -1.65 34.93 7.34
N GLY B 24 -0.44 34.96 7.88
CA GLY B 24 -0.22 35.52 9.22
C GLY B 24 -0.20 34.45 10.30
N GLN B 25 -0.94 33.35 10.16
CA GLN B 25 -0.80 32.18 11.07
C GLN B 25 0.58 31.51 10.83
N SER B 26 1.21 31.01 11.88
CA SER B 26 2.56 30.38 11.80
C SER B 26 2.47 29.18 10.85
N GLU B 27 1.32 28.49 10.85
CA GLU B 27 1.11 27.27 10.04
C GLU B 27 1.15 27.63 8.53
N TYR B 28 0.52 28.71 8.11
CA TYR B 28 0.57 29.20 6.71
C TYR B 28 1.96 29.72 6.43
N ASN B 29 2.51 30.56 7.30
CA ASN B 29 3.79 31.23 7.05
C ASN B 29 4.93 30.23 6.91
N THR B 30 5.02 29.18 7.73
CA THR B 30 6.11 28.17 7.61
C THR B 30 6.04 27.48 6.23
N ILE B 31 4.86 27.16 5.71
CA ILE B 31 4.69 26.54 4.37
C ILE B 31 5.06 27.54 3.28
N LYS B 32 4.51 28.75 3.35
CA LYS B 32 4.84 29.81 2.37
C LYS B 32 6.36 29.99 2.33
N ASP B 33 7.05 30.00 3.49
CA ASP B 33 8.53 30.21 3.52
C ASP B 33 9.26 29.01 2.91
N LYS B 34 8.81 27.80 3.22
CA LYS B 34 9.44 26.56 2.69
C LYS B 34 9.32 26.57 1.16
N PHE B 35 8.17 27.03 0.65
CA PHE B 35 7.88 27.17 -0.78
C PHE B 35 8.73 28.29 -1.39
N THR B 36 8.70 29.50 -0.81
CA THR B 36 9.37 30.67 -1.44
C THR B 36 10.88 30.53 -1.29
N ARG B 37 11.39 29.74 -0.35
CA ARG B 37 12.86 29.52 -0.28
C ARG B 37 13.42 29.20 -1.68
N THR B 38 12.68 28.51 -2.56
CA THR B 38 13.20 28.13 -3.91
C THR B 38 12.27 28.55 -5.06
N CYS B 39 11.00 28.95 -4.84
CA CYS B 39 10.09 29.47 -5.91
C CYS B 39 9.54 30.88 -5.60
N SER B 40 10.38 31.92 -5.49
CA SER B 40 9.88 33.29 -5.21
C SER B 40 9.39 33.99 -6.50
N SER B 41 9.45 33.31 -7.66
CA SER B 41 8.84 33.74 -8.95
C SER B 41 7.32 33.52 -8.97
N TYR B 42 6.81 32.42 -8.41
CA TYR B 42 5.37 32.07 -8.37
C TYR B 42 4.70 32.78 -7.20
N ALA B 43 3.38 32.94 -7.19
CA ALA B 43 2.65 33.50 -6.03
C ALA B 43 1.60 32.49 -5.58
N ILE B 44 1.44 32.37 -4.27
CA ILE B 44 0.50 31.40 -3.65
C ILE B 44 -0.91 31.99 -3.70
N GLU B 45 -1.86 31.21 -4.18
CA GLU B 45 -3.30 31.57 -4.16
C GLU B 45 -3.84 31.20 -2.79
N LYS B 46 -3.69 29.92 -2.41
CA LYS B 46 -4.14 29.46 -1.08
C LYS B 46 -3.37 28.22 -0.65
N ILE B 47 -3.44 27.96 0.64
CA ILE B 47 -2.86 26.73 1.26
C ILE B 47 -3.94 26.10 2.12
N GLU B 48 -4.28 24.85 1.78
CA GLU B 48 -5.31 24.02 2.44
C GLU B 48 -4.62 22.91 3.23
N ARG B 49 -5.02 22.75 4.50
CA ARG B 49 -4.60 21.61 5.35
C ARG B 49 -5.47 20.42 4.96
N ILE B 50 -4.85 19.29 4.64
CA ILE B 50 -5.62 18.05 4.32
C ILE B 50 -5.87 17.26 5.59
N GLN B 51 -7.15 17.04 5.93
CA GLN B 51 -7.57 16.28 7.11
C GLN B 51 -8.22 15.01 6.56
N ASN B 52 -7.43 13.96 6.44
CA ASN B 52 -7.96 12.67 5.92
C ASN B 52 -7.73 11.63 7.00
N ALA B 53 -8.76 11.26 7.75
CA ALA B 53 -8.63 10.44 8.97
C ALA B 53 -7.98 9.09 8.64
N PHE B 54 -8.48 8.43 7.61
CA PHE B 54 -8.04 7.09 7.19
C PHE B 54 -6.59 7.14 6.70
N LEU B 55 -6.22 8.09 5.85
CA LEU B 55 -4.81 8.17 5.36
C LEU B 55 -3.90 8.41 6.55
N TRP B 56 -4.35 9.28 7.47
CA TRP B 56 -3.57 9.65 8.66
C TRP B 56 -3.31 8.41 9.50
N GLN B 57 -4.36 7.65 9.83
CA GLN B 57 -4.26 6.42 10.66
C GLN B 57 -3.25 5.46 10.03
N SER B 58 -3.35 5.21 8.72
CA SER B 58 -2.55 4.13 8.07
C SER B 58 -1.10 4.60 8.03
N TYR B 59 -0.92 5.90 7.76
CA TYR B 59 0.41 6.55 7.77
C TYR B 59 1.06 6.46 9.17
N GLN B 60 0.30 6.83 10.19
CA GLN B 60 0.84 6.87 11.58
C GLN B 60 1.21 5.45 12.01
N VAL B 61 0.48 4.45 11.56
CA VAL B 61 0.81 3.03 11.86
C VAL B 61 2.17 2.69 11.20
N LYS B 62 2.36 3.08 9.94
CA LYS B 62 3.64 2.82 9.24
C LYS B 62 4.77 3.57 9.90
N LYS B 63 4.54 4.79 10.33
CA LYS B 63 5.60 5.57 11.01
C LYS B 63 6.05 4.84 12.28
N ARG B 64 5.10 4.41 13.09
CA ARG B 64 5.42 3.78 14.38
C ARG B 64 6.20 2.49 14.10
N GLN B 65 5.84 1.76 13.06
CA GLN B 65 6.54 0.51 12.68
C GLN B 65 7.97 0.84 12.23
N MET B 66 8.17 1.89 11.46
CA MET B 66 9.50 2.22 10.96
C MET B 66 10.35 2.78 12.12
N ASP B 67 9.72 3.53 13.04
CA ASP B 67 10.41 4.05 14.25
C ASP B 67 10.86 2.86 15.12
N ILE B 68 10.04 1.82 15.25
CA ILE B 68 10.41 0.60 16.01
C ILE B 68 11.53 -0.10 15.24
N LYS B 69 11.38 -0.33 13.94
CA LYS B 69 12.35 -1.15 13.17
C LYS B 69 13.71 -0.46 13.10
N ASN B 70 13.77 0.87 12.91
CA ASN B 70 15.03 1.59 12.64
C ASN B 70 15.65 2.04 13.97
N ASP B 71 14.83 2.16 15.01
CA ASP B 71 15.22 2.48 16.43
C ASP B 71 16.08 3.75 16.53
N HIS B 72 15.86 4.76 15.69
CA HIS B 72 16.70 6.00 15.62
C HIS B 72 15.87 7.23 15.27
N LYS B 73 14.59 7.06 14.89
CA LYS B 73 13.51 8.08 14.91
C LYS B 73 13.70 9.21 13.89
N ASN B 74 14.70 9.17 13.00
CA ASN B 74 14.76 10.24 11.97
C ASN B 74 14.16 9.77 10.64
N ASN B 75 12.92 9.28 10.66
CA ASN B 75 12.40 8.53 9.48
C ASN B 75 11.56 9.42 8.55
N GLU B 76 11.17 10.61 9.00
CA GLU B 76 10.13 11.42 8.33
C GLU B 76 10.74 12.74 7.84
N ARG B 77 10.51 13.06 6.56
CA ARG B 77 10.94 14.31 5.92
C ARG B 77 9.69 14.97 5.37
N LEU B 78 9.71 16.29 5.29
CA LEU B 78 8.64 17.09 4.68
C LEU B 78 9.07 17.44 3.27
N LEU B 79 8.41 16.91 2.27
CA LEU B 79 8.84 17.06 0.87
C LEU B 79 7.68 17.59 0.04
N PHE B 80 7.93 17.83 -1.24
CA PHE B 80 6.95 18.43 -2.16
C PHE B 80 6.60 17.44 -3.25
N HIS B 81 5.36 17.58 -3.76
CA HIS B 81 4.89 16.75 -4.90
C HIS B 81 3.95 17.60 -5.77
N GLY B 82 4.45 18.00 -6.93
CA GLY B 82 3.65 18.70 -7.94
C GLY B 82 2.80 17.67 -8.66
N THR B 83 1.52 17.95 -8.89
CA THR B 83 0.70 17.07 -9.75
C THR B 83 -0.27 17.92 -10.57
N ASP B 84 -0.96 17.25 -11.48
CA ASP B 84 -2.03 17.84 -12.31
C ASP B 84 -3.33 17.93 -11.50
N ALA B 85 -4.17 18.89 -11.87
CA ALA B 85 -5.49 19.12 -11.26
C ALA B 85 -6.33 17.85 -11.27
N ASP B 86 -6.32 17.07 -12.36
CA ASP B 86 -7.14 15.84 -12.49
C ASP B 86 -6.79 14.83 -11.37
N SER B 87 -5.56 14.83 -10.87
CA SER B 87 -5.05 13.92 -9.81
C SER B 87 -5.46 14.40 -8.40
N VAL B 88 -5.73 15.69 -8.19
CA VAL B 88 -5.90 16.27 -6.83
C VAL B 88 -7.04 15.60 -6.05
N PRO B 89 -8.28 15.43 -6.58
CA PRO B 89 -9.32 14.77 -5.78
C PRO B 89 -8.94 13.32 -5.35
N TYR B 90 -8.27 12.54 -6.21
CA TYR B 90 -7.79 11.17 -5.86
C TYR B 90 -6.75 11.25 -4.74
N VAL B 91 -5.72 12.10 -4.88
CA VAL B 91 -4.66 12.21 -3.84
C VAL B 91 -5.28 12.64 -2.51
N ASN B 92 -6.18 13.61 -2.55
CA ASN B 92 -6.83 14.14 -1.32
C ASN B 92 -7.52 13.01 -0.56
N GLN B 93 -8.19 12.12 -1.27
CA GLN B 93 -9.01 11.03 -0.67
C GLN B 93 -8.13 9.81 -0.40
N HIS B 94 -7.21 9.46 -1.30
CA HIS B 94 -6.64 8.08 -1.36
C HIS B 94 -5.12 8.11 -1.26
N GLY B 95 -4.50 9.28 -1.25
CA GLY B 95 -3.04 9.42 -1.20
C GLY B 95 -2.34 9.08 -2.53
N PHE B 96 -1.06 8.75 -2.44
CA PHE B 96 -0.14 8.62 -3.59
C PHE B 96 -0.09 7.16 -3.99
N ASN B 97 -0.43 6.88 -5.24
CA ASN B 97 -0.55 5.50 -5.76
C ASN B 97 0.55 5.32 -6.80
N ARG B 98 1.56 4.49 -6.51
CA ARG B 98 2.71 4.25 -7.42
C ARG B 98 2.17 3.76 -8.76
N SER B 99 1.00 3.13 -8.78
CA SER B 99 0.43 2.48 -10.00
C SER B 99 0.00 3.56 -11.00
N CYS B 100 -0.15 4.79 -10.53
CA CYS B 100 -0.58 5.98 -11.32
C CYS B 100 0.63 6.84 -11.67
N ALA B 101 1.82 6.53 -11.17
CA ALA B 101 2.99 7.44 -11.23
C ALA B 101 3.52 7.52 -12.66
N GLY B 102 3.88 8.71 -13.12
CA GLY B 102 4.57 8.88 -14.41
C GLY B 102 6.01 8.41 -14.31
N LYS B 103 6.66 8.16 -15.43
CA LYS B 103 8.13 7.94 -15.48
C LYS B 103 8.79 9.31 -15.25
N ASN B 104 9.76 9.37 -14.34
CA ASN B 104 10.50 10.61 -14.05
C ASN B 104 11.60 10.73 -15.10
N ALA B 105 11.93 11.96 -15.49
CA ALA B 105 12.96 12.25 -16.53
C ALA B 105 14.30 11.61 -16.13
N VAL B 106 14.64 11.58 -14.84
CA VAL B 106 15.74 10.73 -14.29
C VAL B 106 15.12 9.72 -13.35
N SER B 107 15.01 8.48 -13.78
CA SER B 107 14.28 7.45 -13.00
C SER B 107 15.26 6.77 -12.05
N TYR B 108 14.88 6.72 -10.76
CA TYR B 108 15.62 5.98 -9.71
C TYR B 108 14.73 4.89 -9.17
N GLY B 109 13.71 4.53 -9.95
CA GLY B 109 12.79 3.43 -9.61
C GLY B 109 11.37 3.77 -9.97
N LYS B 110 10.54 2.74 -10.05
CA LYS B 110 9.09 2.82 -10.38
C LYS B 110 8.31 3.03 -9.09
N GLY B 111 8.22 4.25 -8.61
CA GLY B 111 7.48 4.55 -7.38
C GLY B 111 6.96 5.97 -7.43
N THR B 112 6.56 6.50 -6.29
CA THR B 112 6.11 7.90 -6.18
C THR B 112 7.31 8.76 -5.79
N TYR B 113 7.50 9.86 -6.53
CA TYR B 113 8.64 10.80 -6.40
C TYR B 113 8.23 12.01 -5.55
N PHE B 114 9.14 12.42 -4.67
CA PHE B 114 8.99 13.61 -3.80
C PHE B 114 10.26 14.45 -3.88
N ALA B 115 10.12 15.77 -4.00
CA ALA B 115 11.27 16.70 -4.17
C ALA B 115 11.58 17.35 -2.82
N VAL B 116 12.86 17.61 -2.60
CA VAL B 116 13.36 18.36 -1.43
C VAL B 116 13.01 19.84 -1.63
N ASP B 117 13.09 20.32 -2.86
CA ASP B 117 12.92 21.76 -3.23
C ASP B 117 11.62 21.96 -4.00
N ALA B 118 10.83 22.94 -3.57
CA ALA B 118 9.58 23.38 -4.22
C ALA B 118 9.83 23.73 -5.70
N SER B 119 10.98 24.35 -6.01
CA SER B 119 11.38 24.75 -7.38
C SER B 119 11.25 23.58 -8.36
N TYR B 120 11.59 22.36 -7.95
CA TYR B 120 11.52 21.21 -8.89
C TYR B 120 10.06 20.79 -9.07
N SER B 121 9.29 20.71 -7.98
CA SER B 121 7.84 20.42 -8.02
C SER B 121 7.07 21.49 -8.80
N ALA B 122 7.56 22.74 -8.82
CA ALA B 122 6.90 23.88 -9.50
C ALA B 122 7.01 23.81 -11.03
N LYS B 123 7.82 22.89 -11.58
CA LYS B 123 7.94 22.70 -13.05
C LYS B 123 6.60 22.20 -13.60
N ASP B 124 6.25 22.68 -14.81
CA ASP B 124 4.96 22.42 -15.49
C ASP B 124 4.87 20.91 -15.76
N THR B 125 6.01 20.24 -15.85
CA THR B 125 6.04 18.78 -16.09
C THR B 125 5.45 18.05 -14.87
N TYR B 126 5.48 18.64 -13.68
CA TYR B 126 4.87 18.02 -12.46
C TYR B 126 3.54 18.70 -12.08
N SER B 127 3.63 19.97 -11.68
CA SER B 127 2.45 20.81 -11.34
C SER B 127 1.88 21.42 -12.61
N LYS B 128 1.29 20.60 -13.47
CA LYS B 128 0.76 21.02 -14.78
C LYS B 128 -0.29 22.13 -14.56
N PRO B 129 -0.14 23.30 -15.21
CA PRO B 129 -1.13 24.37 -15.06
C PRO B 129 -2.50 23.90 -15.57
N ASP B 130 -3.57 24.19 -14.85
CA ASP B 130 -4.94 23.82 -15.29
C ASP B 130 -5.44 24.88 -16.27
N SER B 131 -6.65 24.70 -16.79
CA SER B 131 -7.30 25.60 -17.77
C SER B 131 -7.34 27.06 -17.27
N ASN B 132 -7.22 27.31 -15.97
CA ASN B 132 -7.18 28.69 -15.41
C ASN B 132 -5.80 29.12 -14.96
N GLY B 133 -4.75 28.36 -15.28
CA GLY B 133 -3.37 28.75 -14.94
C GLY B 133 -3.00 28.41 -13.50
N ARG B 134 -3.85 27.65 -12.78
CA ARG B 134 -3.53 27.22 -11.39
C ARG B 134 -2.63 25.99 -11.42
N LYS B 135 -1.56 26.06 -10.63
CA LYS B 135 -0.63 24.92 -10.43
C LYS B 135 -0.85 24.36 -9.03
N HIS B 136 -0.63 23.05 -8.84
CA HIS B 136 -0.91 22.37 -7.56
C HIS B 136 0.31 21.59 -7.08
N MET B 137 0.65 21.79 -5.81
CA MET B 137 1.79 21.12 -5.15
C MET B 137 1.35 20.72 -3.75
N TYR B 138 1.53 19.45 -3.41
CA TYR B 138 1.36 18.92 -2.04
C TYR B 138 2.64 19.12 -1.26
N VAL B 139 2.43 19.37 0.02
CA VAL B 139 3.51 19.28 1.02
C VAL B 139 3.21 18.01 1.81
N VAL B 140 4.20 17.17 1.98
CA VAL B 140 3.96 15.72 2.23
C VAL B 140 4.91 15.25 3.31
N ARG B 141 4.37 14.56 4.31
CA ARG B 141 5.18 13.86 5.31
C ARG B 141 5.54 12.54 4.65
N VAL B 142 6.83 12.29 4.43
CA VAL B 142 7.28 11.06 3.76
C VAL B 142 8.17 10.25 4.70
N LEU B 143 7.90 8.95 4.81
CA LEU B 143 8.74 8.02 5.60
C LEU B 143 9.91 7.57 4.72
N THR B 144 10.94 8.43 4.66
CA THR B 144 12.18 8.17 3.89
C THR B 144 13.05 7.13 4.59
N GLY B 145 12.99 7.09 5.93
CA GLY B 145 13.73 6.09 6.71
C GLY B 145 15.19 6.03 6.32
N VAL B 146 15.68 4.80 6.11
CA VAL B 146 17.07 4.52 5.68
C VAL B 146 17.04 4.32 4.17
N PHE B 147 17.85 5.09 3.45
CA PHE B 147 17.75 5.17 1.98
C PHE B 147 19.12 4.95 1.34
N THR B 148 19.09 4.65 0.06
CA THR B 148 20.27 4.41 -0.79
C THR B 148 19.96 4.96 -2.18
N LYS B 149 20.98 5.07 -3.02
CA LYS B 149 20.79 5.51 -4.41
C LYS B 149 19.95 4.46 -5.12
N GLY B 150 18.87 4.88 -5.75
CA GLY B 150 18.03 3.97 -6.52
C GLY B 150 18.57 3.71 -7.91
N ARG B 151 17.77 2.98 -8.68
CA ARG B 151 18.06 2.49 -10.05
CA ARG B 151 18.05 2.62 -10.08
C ARG B 151 16.71 2.33 -10.75
N ALA B 152 16.67 2.57 -12.06
CA ALA B 152 15.43 2.61 -12.87
C ALA B 152 14.65 1.31 -12.77
N GLY B 153 15.29 0.17 -12.57
CA GLY B 153 14.56 -1.13 -12.57
C GLY B 153 13.73 -1.42 -11.31
N LEU B 154 13.94 -0.68 -10.22
CA LEU B 154 13.34 -1.00 -8.89
C LEU B 154 11.82 -0.91 -8.95
N VAL B 155 11.12 -1.95 -8.50
CA VAL B 155 9.66 -1.88 -8.19
C VAL B 155 9.44 -1.87 -6.67
N THR B 156 10.48 -2.18 -5.89
CA THR B 156 10.52 -2.03 -4.40
C THR B 156 11.89 -1.50 -4.06
N PRO B 157 12.11 -1.00 -2.83
CA PRO B 157 13.45 -0.60 -2.44
C PRO B 157 14.33 -1.85 -2.48
N PRO B 158 15.65 -1.66 -2.69
CA PRO B 158 16.57 -2.79 -2.76
C PRO B 158 16.82 -3.27 -1.34
N PRO B 159 17.33 -4.50 -1.23
CA PRO B 159 17.79 -5.00 0.06
C PRO B 159 19.04 -4.26 0.54
N LYS B 160 19.17 -4.16 1.84
CA LYS B 160 20.40 -3.68 2.51
C LYS B 160 21.56 -4.66 2.29
N ASN B 161 21.22 -5.94 2.18
CA ASN B 161 22.18 -7.06 2.14
C ASN B 161 21.68 -8.04 1.09
N PRO B 162 22.49 -8.35 0.04
CA PRO B 162 22.05 -9.26 -1.01
C PRO B 162 21.77 -10.69 -0.51
N HIS B 163 22.34 -11.11 0.63
CA HIS B 163 22.13 -12.48 1.15
C HIS B 163 20.89 -12.49 2.05
N ASN B 164 20.23 -11.34 2.23
CA ASN B 164 18.94 -11.22 2.98
C ASN B 164 17.99 -10.36 2.16
N PRO B 165 17.44 -10.92 1.07
CA PRO B 165 16.76 -10.10 0.09
C PRO B 165 15.46 -9.45 0.61
N THR B 166 14.90 -9.84 1.76
CA THR B 166 13.57 -9.31 2.20
C THR B 166 13.77 -8.16 3.20
N ASP B 167 15.01 -7.84 3.59
CA ASP B 167 15.23 -6.76 4.61
C ASP B 167 15.65 -5.49 3.85
N LEU B 168 14.69 -4.60 3.62
CA LEU B 168 14.78 -3.56 2.55
C LEU B 168 15.19 -2.21 3.13
N PHE B 169 15.82 -1.38 2.31
CA PHE B 169 15.85 0.09 2.51
C PHE B 169 14.39 0.57 2.57
N ASP B 170 14.13 1.71 3.21
CA ASP B 170 12.77 2.27 3.31
C ASP B 170 12.42 3.05 2.03
N SER B 171 13.43 3.65 1.37
CA SER B 171 13.24 4.50 0.18
C SER B 171 14.54 4.58 -0.59
N VAL B 172 14.49 5.22 -1.75
CA VAL B 172 15.74 5.50 -2.51
C VAL B 172 15.74 6.98 -2.90
N THR B 173 16.92 7.43 -3.29
CA THR B 173 17.21 8.84 -3.55
C THR B 173 18.09 8.92 -4.79
N ASN B 174 18.41 10.12 -5.25
CA ASN B 174 19.24 10.33 -6.46
C ASN B 174 20.69 10.32 -6.03
N ASN B 175 20.96 10.68 -4.78
CA ASN B 175 22.32 10.94 -4.26
C ASN B 175 22.28 10.92 -2.72
N THR B 176 22.97 9.98 -2.07
CA THR B 176 22.84 9.79 -0.61
C THR B 176 23.50 10.95 0.11
N ARG B 177 24.58 11.52 -0.44
CA ARG B 177 25.30 12.71 0.10
C ARG B 177 24.42 13.94 0.09
N SER B 178 23.82 14.28 -1.06
CA SER B 178 23.00 15.50 -1.27
C SER B 178 21.66 15.11 -1.87
N PRO B 179 20.73 14.57 -1.06
CA PRO B 179 19.50 14.04 -1.61
C PRO B 179 18.68 15.19 -2.19
N LYS B 180 18.15 15.04 -3.39
CA LYS B 180 17.22 16.06 -3.96
C LYS B 180 15.85 15.46 -4.24
N LEU B 181 15.73 14.13 -4.38
CA LEU B 181 14.41 13.48 -4.50
C LEU B 181 14.41 12.17 -3.72
N PHE B 182 13.22 11.72 -3.35
CA PHE B 182 12.99 10.41 -2.71
C PHE B 182 11.89 9.69 -3.48
N VAL B 183 12.09 8.39 -3.60
CA VAL B 183 11.09 7.45 -4.21
C VAL B 183 10.62 6.47 -3.14
N VAL B 184 9.30 6.37 -2.99
CA VAL B 184 8.65 5.42 -2.07
C VAL B 184 7.81 4.44 -2.90
N PHE B 185 7.78 3.20 -2.46
CA PHE B 185 7.23 2.08 -3.24
C PHE B 185 6.04 1.44 -2.55
N PHE B 186 5.61 1.98 -1.40
CA PHE B 186 4.47 1.38 -0.66
C PHE B 186 3.39 2.41 -0.37
N ASP B 187 2.16 1.93 -0.27
CA ASP B 187 0.96 2.73 0.06
C ASP B 187 1.15 3.23 1.50
N ASN B 188 0.72 4.44 1.82
CA ASN B 188 0.67 4.87 3.26
C ASN B 188 2.10 5.12 3.79
N GLN B 189 3.08 5.33 2.91
CA GLN B 189 4.43 5.78 3.30
C GLN B 189 4.52 7.31 3.22
N ALA B 190 3.48 7.96 2.74
CA ALA B 190 3.47 9.42 2.45
C ALA B 190 2.11 9.95 2.84
N TYR B 191 2.04 11.02 3.64
CA TYR B 191 0.75 11.64 4.02
C TYR B 191 0.69 13.00 3.37
N PRO B 192 -0.28 13.28 2.48
CA PRO B 192 -0.39 14.60 1.89
C PRO B 192 -0.97 15.54 2.96
N GLU B 193 -0.16 16.47 3.48
CA GLU B 193 -0.54 17.32 4.63
C GLU B 193 -1.15 18.68 4.19
N TYR B 194 -0.61 19.31 3.15
CA TYR B 194 -1.07 20.61 2.64
C TYR B 194 -1.10 20.56 1.11
N LEU B 195 -2.09 21.26 0.57
CA LEU B 195 -2.20 21.52 -0.88
C LEU B 195 -1.97 23.02 -1.08
N ILE B 196 -0.92 23.34 -1.84
CA ILE B 196 -0.61 24.71 -2.29
C ILE B 196 -1.15 24.87 -3.70
N THR B 197 -2.05 25.83 -3.87
CA THR B 197 -2.53 26.30 -5.19
C THR B 197 -1.78 27.60 -5.49
N PHE B 198 -1.13 27.67 -6.66
CA PHE B 198 -0.25 28.81 -6.97
C PHE B 198 -0.32 29.09 -8.47
N THR B 199 0.14 30.28 -8.84
CA THR B 199 0.03 30.81 -10.22
C THR B 199 1.33 31.54 -10.49
N ALA B 200 1.66 31.76 -11.77
CA ALA B 200 2.63 32.83 -12.13
C ALA B 200 1.98 34.18 -11.75
C4 A1JG9 C . -6.10 -18.60 -9.87
C14 A1JG9 C . -6.52 -16.38 -9.09
C5 A1JG9 C . -6.87 -17.47 -9.86
C6 A1JG9 C . -9.04 -18.31 -10.75
C11 A1JG9 C . -11.26 -20.66 -8.85
C7 A1JG9 C . -9.55 -18.42 -12.04
C8 A1JG9 C . -10.60 -19.26 -12.28
C9 A1JG9 C . -11.17 -20.00 -11.23
C10 A1JG9 C . -12.26 -20.87 -11.51
C12 A1JG9 C . -10.66 -19.88 -9.93
C13 A1JG9 C . -9.57 -19.00 -9.71
N1 A1JG9 C . -2.30 -16.93 -7.70
N2 A1JG9 C . -12.80 -21.61 -10.47
C3 A1JG9 C . -4.95 -18.63 -9.09
N3 A1JG9 C . -12.30 -21.51 -9.15
C1 A1JG9 C . -3.36 -17.70 -7.50
O1 A1JG9 C . -3.39 -18.64 -6.71
C2 A1JG9 C . -4.56 -17.53 -8.34
O2 A1JG9 C . -8.00 -17.39 -10.66
O3 A1JG9 C . -12.73 -20.99 -12.64
O4 A1JG9 C . -10.88 -20.58 -7.67
C15 A1JG9 C . -5.37 -16.42 -8.32
H4 A1JG9 C . -6.33 -19.34 -10.41
H10 A1JG9 C . -7.05 -15.61 -9.12
H5 A1JG9 C . -9.17 -17.92 -12.75
H6 A1JG9 C . -10.93 -19.34 -13.15
H9 A1JG9 C . -9.22 -18.90 -8.83
H2 A1JG9 C . -1.55 -17.08 -7.25
H1 A1JG9 C . -2.34 -16.26 -8.29
H7 A1JG9 C . -13.46 -22.13 -10.65
H3 A1JG9 C . -4.43 -19.41 -9.08
H8 A1JG9 C . -12.66 -21.96 -8.50
H11 A1JG9 C . -5.14 -15.67 -7.79
C4 A1JG9 D . 10.81 14.64 -8.15
C14 A1JG9 D . 10.98 16.88 -8.98
C5 A1JG9 D . 11.56 15.69 -8.64
C6 A1JG9 D . 13.95 16.33 -8.59
C11 A1JG9 D . 15.15 18.97 -6.22
C7 A1JG9 D . 15.02 16.21 -9.47
C8 A1JG9 D . 16.13 16.97 -9.27
C9 A1JG9 D . 16.18 17.89 -8.20
C10 A1JG9 D . 17.34 18.69 -8.03
C12 A1JG9 D . 15.10 18.01 -7.31
C13 A1JG9 D . 13.96 17.20 -7.53
N1 A1JG9 D . 6.55 15.24 -8.44
N2 A1JG9 D . 17.40 19.58 -6.99
C3 A1JG9 D . 9.45 14.81 -7.95
N3 A1JG9 D . 16.30 19.75 -6.11
C1 A1JG9 D . 7.37 16.20 -8.09
O1 A1JG9 D . 6.94 17.28 -7.69
C2 A1JG9 D . 8.82 16.00 -8.28
O2 A1JG9 D . 12.91 15.46 -8.88
O3 A1JG9 D . 18.30 18.60 -8.80
O4 A1JG9 D . 14.25 19.10 -5.36
C15 A1JG9 D . 9.61 17.04 -8.78
H4 A1JG9 D . 11.22 13.82 -7.94
H10 A1JG9 D . 11.48 17.58 -9.34
H5 A1JG9 D . 15.00 15.59 -10.18
H6 A1JG9 D . 16.85 16.90 -9.87
H9 A1JG9 D . 13.21 17.25 -6.94
H2 A1JG9 D . 5.67 15.35 -8.36
H1 A1JG9 D . 6.86 14.46 -8.74
H7 A1JG9 D . 18.11 20.07 -6.90
H3 A1JG9 D . 8.95 14.09 -7.61
H8 A1JG9 D . 16.36 20.28 -5.43
H11 A1JG9 D . 9.21 17.85 -9.01
S DMS E . 9.12 -0.41 4.40
O DMS E . 10.04 0.57 5.06
C1 DMS E . 9.23 -1.89 5.38
C2 DMS E . 9.98 -1.00 2.96
H11 DMS E . 8.65 -2.58 4.99
H12 DMS E . 8.95 -1.71 6.29
H13 DMS E . 10.14 -2.21 5.39
H21 DMS E . 9.50 -1.74 2.57
H22 DMS E . 10.87 -1.29 3.22
H23 DMS E . 10.06 -0.28 2.32
#